data_9FS2
#
_entry.id   9FS2
#
_cell.length_a   82.142
_cell.length_b   158.579
_cell.length_c   61.950
_cell.angle_alpha   90.000
_cell.angle_beta   90.000
_cell.angle_gamma   90.000
#
_symmetry.space_group_name_H-M   'C 2 2 21'
#
loop_
_entity.id
_entity.type
_entity.pdbx_description
1 polymer 'Multifunctional protein CAD'
2 non-polymer 'ZINC ION'
3 non-polymer N-CARBAMOYL-L-ASPARTATE
4 non-polymer '(4S)-2,6-DIOXOHEXAHYDROPYRIMIDINE-4-CARBOXYLIC ACID'
5 non-polymer 'FORMIC ACID'
6 water water
#
_entity_poly.entity_id   1
_entity_poly.type   'polypeptide(L)'
_entity_poly.pdbx_seq_one_letter_code
;KLVRLPGLIDVHVHLREPGGTHKEDFASGTAAALAGGITMVCAMPNTRPPIIDAPALALAQKLAEAGARCDFALFLGAAS
ENAGTLGTVAGSAAGL(KCX)LYLNETFSELRLDSVVQWMEHFETWPSHLPIVAHAEQQTVAAVLMVAQLTQRSVHICHV
ARKEEILLIKAAKARGLPVTCEVAPHHLFLSHDDLERLGPGKGEVRPELGSRQDVEALWENMAVIDCFASDHAPHTLEEK
CGSRPPPGFPGLETMLPLLLTAVSEGRLSLDDLLQRLHHNPRRIFHLPPQEDTYVEVDLEHEWTIPSHMPFSKAHWTPFE
GQKVKGTVRRVVLRGEVAYIDGQVLVPPGYGQDVRKWPQGAVPQLP
;
_entity_poly.pdbx_strand_id   A
#
loop_
_chem_comp.id
_chem_comp.type
_chem_comp.name
_chem_comp.formula
DOR non-polymer '(4S)-2,6-DIOXOHEXAHYDROPYRIMIDINE-4-CARBOXYLIC ACID' 'C5 H6 N2 O4'
FMT non-polymer 'FORMIC ACID' 'C H2 O2'
NCD non-polymer N-CARBAMOYL-L-ASPARTATE 'C5 H8 N2 O5'
ZN non-polymer 'ZINC ION' 'Zn 2'
#
# COMPACT_ATOMS: atom_id res chain seq x y z
N LYS A 1 -6.25 7.19 -29.00
CA LYS A 1 -7.42 7.32 -28.13
C LYS A 1 -7.09 6.92 -26.68
N LEU A 2 -7.11 7.92 -25.80
CA LEU A 2 -6.75 7.72 -24.41
C LEU A 2 -8.00 7.34 -23.62
N VAL A 3 -7.80 6.58 -22.57
CA VAL A 3 -8.87 6.22 -21.64
C VAL A 3 -8.71 7.05 -20.39
N ARG A 4 -9.80 7.66 -19.95
CA ARG A 4 -9.87 8.47 -18.75
C ARG A 4 -10.26 7.60 -17.57
N LEU A 5 -9.42 7.53 -16.60
CA LEU A 5 -9.61 6.86 -15.33
C LEU A 5 -9.77 7.91 -14.23
N PRO A 6 -10.46 7.57 -13.15
CA PRO A 6 -10.48 8.45 -11.99
C PRO A 6 -9.12 8.46 -11.31
N GLY A 7 -8.98 9.33 -10.31
CA GLY A 7 -7.74 9.39 -9.54
C GLY A 7 -7.56 8.12 -8.72
N LEU A 8 -6.50 7.38 -8.98
CA LEU A 8 -6.29 6.11 -8.30
C LEU A 8 -5.64 6.31 -6.94
N ILE A 9 -5.91 5.37 -6.04
CA ILE A 9 -5.54 5.45 -4.64
C ILE A 9 -4.72 4.22 -4.31
N ASP A 10 -3.53 4.46 -3.71
CA ASP A 10 -2.68 3.39 -3.19
C ASP A 10 -2.66 3.46 -1.67
N VAL A 11 -3.33 2.48 -1.04
CA VAL A 11 -3.45 2.46 0.40
C VAL A 11 -2.25 1.86 1.14
N HIS A 12 -1.15 1.61 0.43
CA HIS A 12 0.00 1.03 1.13
C HIS A 12 1.31 1.45 0.45
N VAL A 13 1.90 2.56 0.94
CA VAL A 13 3.20 3.00 0.43
C VAL A 13 4.11 3.32 1.59
N HIS A 14 5.41 3.21 1.32
CA HIS A 14 6.47 3.64 2.25
C HIS A 14 7.22 4.79 1.59
N LEU A 15 7.11 5.97 2.18
CA LEU A 15 7.75 7.16 1.62
C LEU A 15 9.02 7.59 2.33
N ARG A 16 9.38 6.89 3.41
CA ARG A 16 10.71 6.93 4.02
C ARG A 16 11.08 8.22 4.72
N GLU A 17 10.27 9.23 4.67
CA GLU A 17 10.50 10.49 5.34
C GLU A 17 9.53 10.57 6.51
N PRO A 18 9.98 10.77 7.73
CA PRO A 18 11.36 11.10 8.13
C PRO A 18 12.32 9.92 8.21
N GLY A 19 13.61 10.19 8.01
CA GLY A 19 14.67 9.36 8.53
C GLY A 19 15.30 8.38 7.57
N GLY A 20 14.74 8.19 6.41
CA GLY A 20 15.28 7.29 5.41
C GLY A 20 15.32 7.93 4.04
N THR A 21 15.62 9.25 3.97
CA THR A 21 15.34 10.01 2.77
C THR A 21 16.30 9.74 1.60
N HIS A 22 17.39 8.98 1.83
CA HIS A 22 18.19 8.48 0.72
C HIS A 22 17.46 7.39 -0.06
N LYS A 23 16.45 6.74 0.53
CA LYS A 23 15.69 5.71 -0.14
C LYS A 23 14.53 6.30 -0.96
N GLU A 24 13.98 7.40 -0.48
CA GLU A 24 12.78 8.05 -1.01
C GLU A 24 12.49 9.20 -0.08
N ASP A 25 11.78 10.22 -0.56
CA ASP A 25 11.19 11.18 0.36
C ASP A 25 9.77 11.48 -0.14
N PHE A 26 9.04 12.35 0.56
CA PHE A 26 7.68 12.64 0.13
C PHE A 26 7.70 13.14 -1.31
N ALA A 27 8.64 14.03 -1.64
CA ALA A 27 8.70 14.62 -2.97
C ALA A 27 8.95 13.57 -4.05
N SER A 28 9.92 12.69 -3.84
CA SER A 28 10.24 11.71 -4.87
C SER A 28 9.19 10.61 -4.93
N GLY A 29 8.73 10.15 -3.77
CA GLY A 29 7.76 9.05 -3.75
C GLY A 29 6.44 9.46 -4.34
N THR A 30 6.04 10.73 -4.13
CA THR A 30 4.78 11.20 -4.72
C THR A 30 4.93 11.56 -6.19
N ALA A 31 6.13 11.94 -6.62
CA ALA A 31 6.41 11.99 -8.05
C ALA A 31 6.22 10.61 -8.69
N ALA A 32 6.79 9.59 -8.03
CA ALA A 32 6.60 8.21 -8.49
C ALA A 32 5.11 7.83 -8.53
N ALA A 33 4.35 8.22 -7.51
CA ALA A 33 2.91 7.94 -7.51
C ALA A 33 2.24 8.55 -8.74
N LEU A 34 2.47 9.84 -8.98
CA LEU A 34 1.79 10.51 -10.09
C LEU A 34 2.15 9.84 -11.41
N ALA A 35 3.44 9.50 -11.60
CA ALA A 35 3.87 8.88 -12.85
C ALA A 35 3.24 7.49 -13.02
N GLY A 36 2.81 6.88 -11.92
CA GLY A 36 2.08 5.64 -11.90
C GLY A 36 0.58 5.80 -11.94
N GLY A 37 0.08 7.02 -12.16
CA GLY A 37 -1.36 7.23 -12.22
C GLY A 37 -2.07 7.24 -10.88
N ILE A 38 -1.33 7.45 -9.81
CA ILE A 38 -1.85 7.44 -8.45
C ILE A 38 -1.89 8.87 -7.95
N THR A 39 -3.06 9.30 -7.49
CA THR A 39 -3.27 10.67 -7.06
C THR A 39 -3.46 10.79 -5.56
N MET A 40 -3.53 9.65 -4.81
CA MET A 40 -3.65 9.72 -3.37
C MET A 40 -2.94 8.49 -2.81
N VAL A 41 -2.13 8.67 -1.78
CA VAL A 41 -1.40 7.58 -1.15
C VAL A 41 -1.62 7.58 0.33
N CYS A 42 -1.57 6.39 0.92
CA CYS A 42 -1.62 6.24 2.35
C CYS A 42 -0.24 5.72 2.81
N ALA A 43 0.46 6.53 3.60
CA ALA A 43 1.86 6.29 3.93
C ALA A 43 2.02 5.56 5.26
N MET A 44 2.79 4.47 5.23
CA MET A 44 3.02 3.63 6.41
C MET A 44 3.91 4.29 7.45
N PRO A 45 3.84 3.83 8.70
CA PRO A 45 4.41 4.57 9.85
C PRO A 45 5.78 4.07 10.28
N ASN A 46 6.40 3.17 9.53
CA ASN A 46 7.68 2.56 9.93
C ASN A 46 8.87 3.39 9.49
N THR A 47 8.77 4.70 9.72
CA THR A 47 9.81 5.69 9.48
C THR A 47 10.73 5.78 10.69
N ARG A 48 11.66 6.74 10.65
CA ARG A 48 12.61 7.01 11.74
C ARG A 48 12.58 8.50 12.07
N PRO A 49 11.94 8.93 13.15
CA PRO A 49 11.19 8.14 14.15
C PRO A 49 9.95 7.52 13.54
N PRO A 50 9.49 6.38 14.08
CA PRO A 50 8.22 5.79 13.60
C PRO A 50 7.03 6.62 14.07
N ILE A 51 5.95 6.55 13.32
CA ILE A 51 4.77 7.42 13.58
C ILE A 51 3.88 6.68 14.57
N ILE A 52 4.26 6.72 15.85
CA ILE A 52 3.64 5.93 16.90
C ILE A 52 3.17 6.79 18.07
N ASP A 53 3.27 8.11 17.92
N ASP A 53 3.26 8.11 17.90
CA ASP A 53 2.74 9.00 18.95
CA ASP A 53 2.85 9.02 18.96
C ASP A 53 2.46 10.36 18.32
C ASP A 53 2.47 10.37 18.32
N ALA A 54 1.84 11.24 19.11
CA ALA A 54 1.36 12.50 18.55
C ALA A 54 2.50 13.39 18.07
N PRO A 55 3.62 13.53 18.78
CA PRO A 55 4.71 14.37 18.25
C PRO A 55 5.25 13.87 16.92
N ALA A 56 5.38 12.55 16.75
CA ALA A 56 5.90 12.04 15.49
C ALA A 56 4.91 12.26 14.34
N LEU A 57 3.60 12.07 14.62
CA LEU A 57 2.60 12.37 13.63
C LEU A 57 2.62 13.86 13.23
N ALA A 58 2.78 14.75 14.22
CA ALA A 58 2.81 16.18 13.90
C ALA A 58 3.99 16.50 12.98
N LEU A 59 5.16 15.92 13.26
CA LEU A 59 6.31 16.11 12.40
C LEU A 59 6.05 15.58 11.01
N ALA A 60 5.53 14.35 10.92
CA ALA A 60 5.30 13.74 9.61
C ALA A 60 4.30 14.58 8.81
N GLN A 61 3.24 15.07 9.47
CA GLN A 61 2.24 15.89 8.76
C GLN A 61 2.88 17.11 8.07
N LYS A 62 3.77 17.79 8.80
CA LYS A 62 4.41 18.97 8.22
C LYS A 62 5.37 18.58 7.11
N LEU A 63 6.13 17.48 7.29
CA LEU A 63 7.01 17.02 6.22
C LEU A 63 6.21 16.65 4.98
N ALA A 64 5.08 15.97 5.16
CA ALA A 64 4.26 15.58 4.03
C ALA A 64 3.63 16.81 3.37
N GLU A 65 3.09 17.73 4.15
CA GLU A 65 2.46 18.93 3.56
C GLU A 65 3.45 19.75 2.75
N ALA A 66 4.73 19.70 3.13
CA ALA A 66 5.77 20.47 2.44
C ALA A 66 6.34 19.73 1.25
N GLY A 67 6.33 18.40 1.28
CA GLY A 67 6.99 17.62 0.25
C GLY A 67 6.11 16.91 -0.74
N ALA A 68 4.89 16.52 -0.30
CA ALA A 68 4.07 15.70 -1.15
C ALA A 68 3.58 16.49 -2.37
N ARG A 69 3.52 15.81 -3.51
CA ARG A 69 3.03 16.35 -4.77
C ARG A 69 1.64 15.83 -5.08
N CYS A 70 1.26 14.69 -4.51
CA CYS A 70 -0.12 14.21 -4.57
C CYS A 70 -0.73 14.21 -3.18
N ASP A 71 -2.05 13.93 -3.09
CA ASP A 71 -2.67 13.97 -1.78
C ASP A 71 -2.38 12.68 -1.01
N PHE A 72 -2.58 12.77 0.30
CA PHE A 72 -2.14 11.68 1.15
C PHE A 72 -2.95 11.59 2.44
N ALA A 73 -2.83 10.44 3.09
CA ALA A 73 -3.17 10.27 4.47
C ALA A 73 -2.02 9.50 5.12
N LEU A 74 -1.80 9.71 6.42
CA LEU A 74 -0.68 9.08 7.13
C LEU A 74 -1.24 8.06 8.11
N PHE A 75 -0.72 6.82 8.07
CA PHE A 75 -1.02 5.84 9.10
C PHE A 75 -0.32 6.17 10.41
N LEU A 76 -0.95 5.80 11.51
CA LEU A 76 -0.29 5.60 12.79
C LEU A 76 0.11 4.15 12.89
N GLY A 77 1.17 3.89 13.65
CA GLY A 77 1.60 2.51 13.93
C GLY A 77 1.32 2.12 15.37
N ALA A 78 0.91 0.86 15.54
CA ALA A 78 0.76 0.26 16.85
C ALA A 78 2.12 -0.10 17.41
N ALA A 79 2.32 0.16 18.68
CA ALA A 79 3.54 -0.23 19.37
C ALA A 79 3.19 -0.98 20.65
N SER A 80 4.22 -1.47 21.32
CA SER A 80 4.07 -2.15 22.59
C SER A 80 3.74 -1.19 23.74
N GLU A 81 3.72 0.11 23.49
N GLU A 81 3.72 0.11 23.50
CA GLU A 81 3.51 1.07 24.57
CA GLU A 81 3.50 1.07 24.57
C GLU A 81 2.38 2.06 24.31
C GLU A 81 2.34 2.02 24.33
N ASN A 82 1.81 2.10 23.11
CA ASN A 82 0.91 3.20 22.78
C ASN A 82 -0.56 2.87 22.75
N ALA A 83 -0.96 1.63 23.05
CA ALA A 83 -2.39 1.37 23.09
C ALA A 83 -3.06 2.23 24.15
N GLY A 84 -4.18 2.84 23.78
CA GLY A 84 -4.90 3.71 24.69
C GLY A 84 -4.40 5.13 24.78
N THR A 85 -3.38 5.49 23.99
CA THR A 85 -2.81 6.82 24.02
C THR A 85 -3.09 7.62 22.76
N LEU A 86 -3.70 7.02 21.74
CA LEU A 86 -3.80 7.63 20.41
C LEU A 86 -5.18 8.26 20.16
N GLY A 87 -6.05 8.29 21.17
CA GLY A 87 -7.44 8.66 20.91
C GLY A 87 -7.62 10.06 20.39
N THR A 88 -6.77 11.00 20.81
CA THR A 88 -6.92 12.37 20.37
C THR A 88 -6.55 12.54 18.90
N VAL A 89 -5.54 11.81 18.44
CA VAL A 89 -5.05 11.96 17.08
C VAL A 89 -5.55 10.88 16.12
N ALA A 90 -6.26 9.85 16.61
CA ALA A 90 -6.58 8.72 15.74
C ALA A 90 -7.36 9.13 14.50
N GLY A 91 -8.34 10.01 14.65
CA GLY A 91 -9.14 10.40 13.52
C GLY A 91 -8.43 11.20 12.47
N SER A 92 -7.23 11.70 12.77
CA SER A 92 -6.46 12.43 11.79
CA SER A 92 -6.19 13.08 11.39
C SER A 92 -5.59 11.51 10.94
N ALA A 93 -5.53 10.22 11.25
CA ALA A 93 -4.68 9.28 10.53
C ALA A 93 -5.46 8.52 9.47
N ALA A 94 -4.76 7.93 8.53
CA ALA A 94 -5.36 6.98 7.59
C ALA A 94 -6.05 5.84 8.34
N GLY A 95 -5.40 5.38 9.39
CA GLY A 95 -5.81 4.20 10.15
C GLY A 95 -4.67 3.82 11.08
N LEU A 96 -4.80 2.67 11.71
CA LEU A 96 -3.77 2.11 12.56
C LEU A 96 -3.21 0.87 11.88
N KCX A 97 -1.89 0.83 11.76
CA KCX A 97 -1.13 -0.30 11.18
CB KCX A 97 -0.04 0.21 10.26
CG KCX A 97 0.93 -0.86 9.74
CD KCX A 97 0.30 -1.87 8.78
CE KCX A 97 1.27 -2.83 8.09
NZ KCX A 97 2.20 -2.11 7.26
C KCX A 97 -0.50 -1.12 12.28
O KCX A 97 0.22 -0.61 13.12
CX KCX A 97 3.11 -2.71 6.50
OQ1 KCX A 97 3.01 -3.98 6.36
OQ2 KCX A 97 4.02 -1.98 5.95
H KCX A 97 -1.37 1.45 12.03
HA KCX A 97 -1.67 -0.77 10.72
HB2 KCX A 97 0.43 0.78 10.69
HB3 KCX A 97 -0.39 0.58 9.58
HG2 KCX A 97 1.24 -1.30 10.41
HG3 KCX A 97 1.57 -0.48 9.33
HD2 KCX A 97 -0.11 -1.44 8.16
HD3 KCX A 97 -0.26 -2.34 9.22
HE2 KCX A 97 0.83 -3.37 7.61
HE3 KCX A 97 1.71 -3.26 8.68
HZ KCX A 97 2.16 -1.26 7.25
N LEU A 98 -0.78 -2.45 12.24
CA LEU A 98 -0.15 -3.46 13.12
C LEU A 98 0.86 -4.26 12.28
N TYR A 99 2.09 -4.31 12.78
CA TYR A 99 3.13 -5.17 12.23
C TYR A 99 3.15 -6.42 13.08
N LEU A 100 2.66 -7.54 12.54
CA LEU A 100 2.51 -8.76 13.36
C LEU A 100 3.52 -9.83 13.01
N ASN A 101 4.37 -9.61 12.01
N ASN A 101 4.37 -9.60 12.04
CA ASN A 101 5.43 -10.53 11.61
CA ASN A 101 5.48 -10.51 11.77
C ASN A 101 6.72 -9.77 11.40
C ASN A 101 6.78 -9.72 11.96
N GLU A 102 7.81 -10.52 11.19
N GLU A 102 7.73 -9.86 11.03
CA GLU A 102 9.13 -9.91 10.96
CA GLU A 102 9.01 -9.16 11.15
C GLU A 102 9.18 -9.29 9.57
C GLU A 102 8.81 -7.64 11.06
N THR A 103 9.64 -8.04 9.50
N THR A 103 9.51 -6.91 11.94
CA THR A 103 9.76 -7.31 8.24
CA THR A 103 9.48 -5.45 11.91
C THR A 103 10.62 -6.09 8.52
C THR A 103 10.55 -4.91 12.85
N PHE A 104 10.64 -5.14 7.58
N PHE A 104 10.75 -3.59 12.77
CA PHE A 104 11.40 -3.91 7.75
CA PHE A 104 11.67 -2.92 13.67
C PHE A 104 10.61 -3.02 8.68
C PHE A 104 11.22 -3.11 15.12
N SER A 105 10.65 -3.32 9.98
N SER A 105 12.15 -2.93 16.05
CA SER A 105 10.00 -2.47 10.99
CA SER A 105 11.87 -3.18 17.45
C SER A 105 10.52 -2.82 12.38
C SER A 105 10.77 -2.27 17.99
N GLU A 106 10.53 -1.82 13.26
N GLU A 106 10.72 -1.00 17.54
CA GLU A 106 10.86 -2.04 14.66
CA GLU A 106 9.76 -0.07 18.11
C GLU A 106 9.61 -2.19 15.55
C GLU A 106 8.31 -0.42 17.77
N LEU A 107 8.42 -2.30 14.95
N LEU A 107 8.09 -1.17 16.70
CA LEU A 107 7.13 -2.13 15.64
CA LEU A 107 6.75 -1.57 16.29
C LEU A 107 6.54 -3.48 16.08
C LEU A 107 6.46 -3.04 16.62
N ARG A 108 7.34 -4.22 16.84
N ARG A 108 7.40 -3.74 17.22
CA ARG A 108 7.10 -5.65 17.11
CA ARG A 108 7.20 -5.16 17.51
C ARG A 108 5.73 -6.13 17.55
C ARG A 108 6.19 -5.32 18.61
N LEU A 109 5.36 -5.86 18.80
N LEU A 109 5.20 -6.23 18.39
CA LEU A 109 4.26 -6.53 19.49
CA LEU A 109 4.24 -6.62 19.42
C LEU A 109 4.66 -7.98 19.85
C LEU A 109 4.61 -8.04 19.85
N ASP A 110 4.83 -8.23 21.13
CA ASP A 110 5.35 -9.49 21.63
C ASP A 110 4.27 -10.46 21.99
N SER A 111 3.01 -10.01 22.00
CA SER A 111 1.96 -10.86 22.54
C SER A 111 0.66 -10.54 21.82
N VAL A 112 -0.16 -11.58 21.58
CA VAL A 112 -1.50 -11.34 21.04
CA VAL A 112 -1.50 -11.35 21.05
C VAL A 112 -2.33 -10.49 21.99
N VAL A 113 -2.00 -10.45 23.28
CA VAL A 113 -2.71 -9.56 24.20
C VAL A 113 -2.53 -8.10 23.80
N GLN A 114 -1.34 -7.77 23.30
CA GLN A 114 -1.12 -6.41 22.83
C GLN A 114 -1.97 -6.10 21.59
N TRP A 115 -2.17 -7.08 20.71
CA TRP A 115 -3.09 -6.92 19.60
C TRP A 115 -4.49 -6.63 20.09
N MET A 116 -4.93 -7.43 21.06
CA MET A 116 -6.26 -7.23 21.63
CA MET A 116 -6.26 -7.24 21.67
C MET A 116 -6.40 -5.83 22.22
N GLU A 117 -5.38 -5.38 22.98
CA GLU A 117 -5.43 -4.03 23.56
C GLU A 117 -5.59 -2.96 22.49
N HIS A 118 -4.90 -3.08 21.38
CA HIS A 118 -5.09 -2.12 20.29
C HIS A 118 -6.49 -2.16 19.71
N PHE A 119 -7.01 -3.37 19.43
CA PHE A 119 -8.36 -3.50 18.90
C PHE A 119 -9.42 -2.98 19.87
N GLU A 120 -9.16 -3.08 21.18
CA GLU A 120 -10.08 -2.60 22.20
C GLU A 120 -10.05 -1.09 22.37
N THR A 121 -8.91 -0.46 22.15
CA THR A 121 -8.74 0.96 22.48
C THR A 121 -8.82 1.88 21.26
N TRP A 122 -8.31 1.47 20.12
CA TRP A 122 -8.41 2.25 18.89
C TRP A 122 -9.89 2.50 18.62
N PRO A 123 -10.28 3.72 18.16
CA PRO A 123 -11.73 3.95 17.96
C PRO A 123 -12.30 2.95 16.97
N SER A 124 -13.49 2.43 17.31
CA SER A 124 -14.02 1.29 16.59
C SER A 124 -14.42 1.62 15.17
N HIS A 125 -14.66 2.90 14.85
CA HIS A 125 -15.05 3.28 13.51
C HIS A 125 -13.85 3.54 12.59
N LEU A 126 -12.65 3.51 13.11
CA LEU A 126 -11.48 3.87 12.28
C LEU A 126 -10.73 2.62 11.78
N PRO A 127 -10.10 2.71 10.61
CA PRO A 127 -9.48 1.52 10.03
C PRO A 127 -8.36 0.95 10.85
N ILE A 128 -8.27 -0.39 10.83
CA ILE A 128 -7.10 -1.12 11.30
C ILE A 128 -6.65 -2.01 10.17
N VAL A 129 -5.36 -1.94 9.84
CA VAL A 129 -4.75 -2.78 8.83
C VAL A 129 -3.61 -3.55 9.48
N ALA A 130 -3.32 -4.75 8.95
CA ALA A 130 -2.29 -5.58 9.54
C ALA A 130 -1.39 -6.22 8.50
N HIS A 131 -0.09 -6.20 8.80
CA HIS A 131 0.89 -7.11 8.19
C HIS A 131 0.77 -8.43 8.96
N ALA A 132 0.12 -9.42 8.33
CA ALA A 132 -0.28 -10.65 9.00
C ALA A 132 -0.16 -11.76 7.95
N GLU A 133 0.88 -12.56 8.05
CA GLU A 133 1.18 -13.62 7.10
C GLU A 133 0.80 -15.00 7.64
N GLN A 134 0.33 -15.83 6.73
CA GLN A 134 0.06 -17.24 7.01
C GLN A 134 -0.86 -17.37 8.22
N GLN A 135 -0.49 -18.16 9.23
CA GLN A 135 -1.42 -18.31 10.34
C GLN A 135 -1.76 -17.01 11.04
N THR A 136 -0.91 -15.99 10.90
CA THR A 136 -1.15 -14.70 11.56
C THR A 136 -2.44 -14.07 11.02
N VAL A 137 -2.80 -14.38 9.79
CA VAL A 137 -4.06 -13.86 9.29
CA VAL A 137 -4.09 -13.93 9.24
C VAL A 137 -5.21 -14.46 10.10
N ALA A 138 -5.19 -15.77 10.37
CA ALA A 138 -6.23 -16.37 11.19
C ALA A 138 -6.22 -15.83 12.60
N ALA A 139 -5.02 -15.64 13.17
CA ALA A 139 -4.90 -15.09 14.51
C ALA A 139 -5.46 -13.68 14.63
N VAL A 140 -5.14 -12.80 13.68
CA VAL A 140 -5.67 -11.44 13.81
C VAL A 140 -7.17 -11.41 13.53
N LEU A 141 -7.65 -12.29 12.66
CA LEU A 141 -9.10 -12.40 12.47
C LEU A 141 -9.77 -12.82 13.77
N MET A 142 -9.16 -13.71 14.52
N MET A 142 -9.15 -13.72 14.51
CA MET A 142 -9.75 -14.09 15.80
CA MET A 142 -9.73 -14.11 15.79
C MET A 142 -9.82 -12.90 16.73
C MET A 142 -9.80 -12.94 16.75
N VAL A 143 -8.74 -12.12 16.80
CA VAL A 143 -8.76 -10.94 17.65
C VAL A 143 -9.84 -9.95 17.21
N ALA A 144 -10.01 -9.79 15.91
CA ALA A 144 -11.06 -8.90 15.42
C ALA A 144 -12.44 -9.39 15.84
N GLN A 145 -12.65 -10.71 15.82
CA GLN A 145 -13.96 -11.21 16.24
C GLN A 145 -14.18 -11.05 17.73
N LEU A 146 -13.14 -11.29 18.54
CA LEU A 146 -13.27 -11.18 19.98
C LEU A 146 -13.65 -9.78 20.35
N THR A 147 -13.14 -8.81 19.58
CA THR A 147 -13.40 -7.39 19.84
C THR A 147 -14.51 -6.81 18.98
N GLN A 148 -15.16 -7.66 18.16
CA GLN A 148 -16.37 -7.34 17.40
C GLN A 148 -16.18 -6.21 16.39
N ARG A 149 -15.12 -6.26 15.62
CA ARG A 149 -14.89 -5.23 14.60
C ARG A 149 -14.18 -5.78 13.36
N SER A 150 -13.94 -4.91 12.40
CA SER A 150 -13.32 -5.25 11.13
C SER A 150 -11.80 -5.24 11.19
N VAL A 151 -11.21 -5.86 10.17
CA VAL A 151 -9.77 -5.75 9.97
C VAL A 151 -9.52 -5.84 8.47
N HIS A 152 -8.45 -5.17 8.02
CA HIS A 152 -7.98 -5.23 6.65
C HIS A 152 -6.59 -5.87 6.62
N ILE A 153 -6.42 -6.87 5.76
CA ILE A 153 -5.16 -7.59 5.65
C ILE A 153 -4.32 -7.00 4.51
N CYS A 154 -3.10 -6.56 4.89
CA CYS A 154 -2.18 -6.01 3.90
C CYS A 154 -1.56 -7.13 3.05
N HIS A 155 -1.09 -6.76 1.88
CA HIS A 155 -0.31 -7.57 0.95
C HIS A 155 -0.52 -9.09 1.15
N VAL A 156 -1.65 -9.58 0.69
CA VAL A 156 -1.92 -11.01 0.71
C VAL A 156 -1.13 -11.64 -0.44
N ALA A 157 -0.37 -12.71 -0.11
CA ALA A 157 0.64 -13.24 -1.02
C ALA A 157 0.57 -14.71 -1.31
N ARG A 158 -0.30 -15.45 -0.64
CA ARG A 158 -0.27 -16.89 -0.67
C ARG A 158 -1.66 -17.45 -0.91
N LYS A 159 -1.69 -18.64 -1.54
CA LYS A 159 -2.92 -19.39 -1.64
C LYS A 159 -3.55 -19.62 -0.29
N GLU A 160 -2.73 -19.99 0.69
CA GLU A 160 -3.20 -20.25 2.05
C GLU A 160 -3.99 -19.06 2.60
N GLU A 161 -3.44 -17.86 2.40
CA GLU A 161 -4.04 -16.66 2.96
C GLU A 161 -5.32 -16.28 2.25
N ILE A 162 -5.32 -16.31 0.93
CA ILE A 162 -6.51 -15.89 0.20
C ILE A 162 -7.66 -16.85 0.45
N LEU A 163 -7.36 -18.13 0.61
CA LEU A 163 -8.42 -19.11 0.88
C LEU A 163 -8.97 -18.96 2.29
N LEU A 164 -8.12 -18.65 3.26
N LEU A 164 -8.12 -18.65 3.25
CA LEU A 164 -8.59 -18.35 4.60
CA LEU A 164 -8.58 -18.35 4.59
C LEU A 164 -9.52 -17.14 4.60
C LEU A 164 -9.52 -17.14 4.60
N ILE A 165 -9.10 -16.06 3.92
CA ILE A 165 -9.94 -14.86 3.84
C ILE A 165 -11.25 -15.19 3.14
N LYS A 166 -11.18 -15.98 2.07
CA LYS A 166 -12.39 -16.37 1.35
CA LYS A 166 -12.37 -16.39 1.34
C LYS A 166 -13.35 -17.11 2.27
N ALA A 167 -12.84 -18.04 3.09
CA ALA A 167 -13.70 -18.74 4.04
C ALA A 167 -14.31 -17.79 5.05
N ALA A 168 -13.52 -16.82 5.52
CA ALA A 168 -14.04 -15.85 6.47
C ALA A 168 -15.15 -15.00 5.85
N LYS A 169 -14.97 -14.57 4.60
CA LYS A 169 -16.01 -13.78 3.93
C LYS A 169 -17.29 -14.62 3.72
N ALA A 170 -17.13 -15.91 3.46
CA ALA A 170 -18.31 -16.78 3.31
C ALA A 170 -19.10 -16.90 4.61
N ARG A 171 -18.46 -16.74 5.76
N ARG A 171 -18.47 -16.74 5.75
CA ARG A 171 -19.13 -16.71 7.05
CA ARG A 171 -19.10 -16.70 7.06
C ARG A 171 -19.63 -15.31 7.41
C ARG A 171 -19.56 -15.29 7.44
N GLY A 172 -19.49 -14.32 6.53
CA GLY A 172 -19.99 -12.99 6.81
C GLY A 172 -19.12 -12.17 7.70
N LEU A 173 -17.85 -12.51 7.84
CA LEU A 173 -17.00 -11.75 8.73
C LEU A 173 -16.48 -10.49 8.06
N PRO A 174 -16.33 -9.42 8.84
CA PRO A 174 -15.91 -8.14 8.25
C PRO A 174 -14.39 -8.08 8.09
N VAL A 175 -13.91 -8.61 7.00
CA VAL A 175 -12.48 -8.61 6.66
C VAL A 175 -12.40 -8.18 5.20
N THR A 176 -11.44 -7.31 4.92
CA THR A 176 -11.06 -6.97 3.56
C THR A 176 -9.56 -7.22 3.39
N CYS A 177 -9.12 -7.15 2.15
CA CYS A 177 -7.69 -7.40 1.92
C CYS A 177 -7.24 -6.69 0.64
N GLU A 178 -5.92 -6.62 0.49
CA GLU A 178 -5.28 -6.08 -0.70
C GLU A 178 -4.18 -7.05 -1.14
N VAL A 179 -3.81 -6.91 -2.40
CA VAL A 179 -2.72 -7.67 -3.01
C VAL A 179 -1.80 -6.72 -3.77
N ALA A 180 -0.50 -6.95 -3.67
CA ALA A 180 0.55 -6.13 -4.30
C ALA A 180 0.96 -6.76 -5.63
N PRO A 181 1.42 -5.93 -6.55
CA PRO A 181 1.66 -6.42 -7.90
C PRO A 181 2.73 -7.50 -7.96
N HIS A 182 3.77 -7.41 -7.12
CA HIS A 182 4.78 -8.44 -7.19
C HIS A 182 4.25 -9.82 -6.84
N HIS A 183 3.17 -9.94 -6.07
CA HIS A 183 2.60 -11.27 -5.77
C HIS A 183 1.65 -11.75 -6.83
N LEU A 184 1.34 -10.91 -7.84
CA LEU A 184 0.60 -11.31 -9.02
C LEU A 184 1.48 -11.54 -10.25
N PHE A 185 2.67 -10.91 -10.31
CA PHE A 185 3.49 -10.85 -11.50
C PHE A 185 4.91 -11.37 -11.34
N LEU A 186 5.30 -11.78 -10.15
CA LEU A 186 6.58 -12.42 -9.90
C LEU A 186 6.33 -13.65 -9.03
N SER A 187 7.30 -14.56 -9.03
CA SER A 187 7.16 -15.79 -8.25
C SER A 187 8.56 -16.34 -7.97
N HIS A 188 8.61 -17.51 -7.36
CA HIS A 188 9.90 -18.22 -7.19
C HIS A 188 10.68 -18.31 -8.47
N ASP A 189 10.00 -18.39 -9.60
CA ASP A 189 10.71 -18.54 -10.88
C ASP A 189 11.59 -17.34 -11.19
N ASP A 190 11.37 -16.21 -10.53
CA ASP A 190 12.15 -15.01 -10.76
C ASP A 190 13.32 -14.84 -9.81
N LEU A 191 13.46 -15.72 -8.81
CA LEU A 191 14.52 -15.57 -7.81
C LEU A 191 15.92 -15.74 -8.41
N GLU A 192 16.07 -16.63 -9.39
CA GLU A 192 17.40 -16.78 -9.99
C GLU A 192 17.86 -15.48 -10.65
N ARG A 193 16.96 -14.83 -11.39
CA ARG A 193 17.34 -13.58 -12.06
C ARG A 193 17.56 -12.47 -11.03
N LEU A 194 16.66 -12.36 -10.05
CA LEU A 194 16.77 -11.28 -9.10
C LEU A 194 17.99 -11.44 -8.20
N GLY A 195 18.35 -12.67 -7.87
CA GLY A 195 19.31 -12.94 -6.82
C GLY A 195 18.74 -12.77 -5.41
N PRO A 196 19.49 -13.23 -4.41
CA PRO A 196 18.93 -13.35 -3.07
C PRO A 196 18.77 -12.02 -2.34
N GLY A 197 19.47 -10.97 -2.76
CA GLY A 197 19.33 -9.69 -2.09
C GLY A 197 18.18 -8.91 -2.67
N LYS A 198 18.20 -8.68 -3.98
CA LYS A 198 17.10 -8.01 -4.64
C LYS A 198 15.80 -8.75 -4.36
N GLY A 199 15.81 -10.10 -4.30
CA GLY A 199 14.58 -10.84 -4.16
C GLY A 199 13.99 -10.79 -2.77
N GLU A 200 14.67 -10.22 -1.78
CA GLU A 200 14.14 -10.14 -0.42
C GLU A 200 12.92 -9.21 -0.38
N VAL A 201 11.81 -9.75 0.11
CA VAL A 201 10.56 -8.98 0.28
C VAL A 201 9.74 -9.73 1.31
N ARG A 202 8.89 -9.01 2.02
CA ARG A 202 7.95 -9.62 2.94
C ARG A 202 6.55 -9.14 2.59
N PRO A 203 5.60 -10.04 2.42
CA PRO A 203 5.74 -11.48 2.28
C PRO A 203 6.66 -11.82 1.15
N GLU A 204 7.38 -12.94 1.29
CA GLU A 204 8.28 -13.38 0.23
CA GLU A 204 8.28 -13.41 0.24
C GLU A 204 7.51 -13.68 -1.05
N LEU A 205 8.24 -13.75 -2.15
CA LEU A 205 7.66 -14.20 -3.41
C LEU A 205 7.10 -15.61 -3.21
N GLY A 206 5.97 -15.84 -3.85
CA GLY A 206 5.28 -17.11 -3.73
C GLY A 206 5.60 -18.05 -4.88
N SER A 207 5.09 -19.27 -4.72
CA SER A 207 5.18 -20.24 -5.81
C SER A 207 4.26 -19.87 -6.96
N ARG A 208 4.44 -20.54 -8.09
CA ARG A 208 3.50 -20.38 -9.21
C ARG A 208 2.08 -20.68 -8.75
N GLN A 209 1.92 -21.64 -7.85
CA GLN A 209 0.59 -22.01 -7.38
C GLN A 209 -0.01 -20.89 -6.50
N ASP A 210 0.81 -20.23 -5.71
CA ASP A 210 0.35 -19.06 -4.96
C ASP A 210 -0.16 -17.99 -5.92
N VAL A 211 0.64 -17.65 -6.93
CA VAL A 211 0.26 -16.62 -7.87
C VAL A 211 -1.05 -16.99 -8.54
N GLU A 212 -1.14 -18.24 -9.04
CA GLU A 212 -2.35 -18.66 -9.72
CA GLU A 212 -2.34 -18.71 -9.70
C GLU A 212 -3.56 -18.60 -8.79
N ALA A 213 -3.38 -18.92 -7.52
CA ALA A 213 -4.48 -18.88 -6.57
C ALA A 213 -5.00 -17.46 -6.37
N LEU A 214 -4.09 -16.47 -6.32
CA LEU A 214 -4.56 -15.09 -6.19
C LEU A 214 -5.38 -14.66 -7.41
N TRP A 215 -4.90 -14.99 -8.62
CA TRP A 215 -5.66 -14.68 -9.82
C TRP A 215 -7.01 -15.39 -9.81
N GLU A 216 -7.01 -16.67 -9.47
CA GLU A 216 -8.27 -17.42 -9.51
CA GLU A 216 -8.25 -17.45 -9.49
C GLU A 216 -9.26 -16.87 -8.50
N ASN A 217 -8.77 -16.30 -7.41
CA ASN A 217 -9.57 -15.74 -6.33
C ASN A 217 -9.60 -14.21 -6.37
N MET A 218 -9.57 -13.64 -7.58
CA MET A 218 -9.67 -12.19 -7.74
C MET A 218 -10.89 -11.61 -7.02
N ALA A 219 -12.02 -12.34 -7.01
CA ALA A 219 -13.22 -11.84 -6.40
C ALA A 219 -13.05 -11.61 -4.90
N VAL A 220 -12.09 -12.27 -4.25
CA VAL A 220 -11.81 -12.08 -2.84
C VAL A 220 -10.94 -10.88 -2.58
N ILE A 221 -10.23 -10.39 -3.60
CA ILE A 221 -9.27 -9.29 -3.43
C ILE A 221 -10.03 -7.95 -3.48
N ASP A 222 -10.04 -7.22 -2.38
CA ASP A 222 -10.76 -5.92 -2.38
C ASP A 222 -9.98 -4.79 -3.02
N CYS A 223 -8.65 -4.76 -2.81
CA CYS A 223 -7.82 -3.66 -3.28
C CYS A 223 -6.54 -4.22 -3.90
N PHE A 224 -5.97 -3.46 -4.82
CA PHE A 224 -4.54 -3.55 -5.14
C PHE A 224 -3.84 -2.44 -4.38
N ALA A 225 -2.62 -2.69 -3.91
CA ALA A 225 -1.85 -1.68 -3.21
C ALA A 225 -0.38 -2.07 -3.41
N SER A 226 0.46 -1.09 -3.70
CA SER A 226 1.81 -1.47 -4.17
C SER A 226 2.70 -2.06 -3.11
N ASP A 227 2.52 -1.66 -1.85
CA ASP A 227 3.57 -1.84 -0.82
C ASP A 227 4.91 -1.34 -1.39
N HIS A 228 4.86 -0.14 -2.00
CA HIS A 228 6.04 0.55 -2.47
C HIS A 228 7.00 0.64 -1.30
N ALA A 229 8.17 -0.02 -1.41
CA ALA A 229 9.06 -0.21 -0.27
C ALA A 229 10.47 0.01 -0.78
N PRO A 230 10.83 1.27 -1.02
CA PRO A 230 12.09 1.59 -1.69
C PRO A 230 13.25 1.44 -0.73
N HIS A 231 14.33 0.90 -1.30
CA HIS A 231 15.66 0.79 -0.71
C HIS A 231 16.61 0.94 -1.89
N THR A 232 17.83 1.43 -1.65
CA THR A 232 18.77 1.60 -2.76
C THR A 232 19.29 0.23 -3.21
N LEU A 233 19.85 0.19 -4.42
CA LEU A 233 20.45 -1.02 -4.93
C LEU A 233 21.61 -1.46 -4.04
N GLU A 234 22.41 -0.51 -3.55
CA GLU A 234 23.50 -0.88 -2.66
C GLU A 234 22.96 -1.58 -1.43
N GLU A 235 21.83 -1.11 -0.89
CA GLU A 235 21.30 -1.75 0.30
C GLU A 235 20.73 -3.15 -0.03
N LYS A 236 20.03 -3.25 -1.16
CA LYS A 236 19.46 -4.55 -1.55
C LYS A 236 20.51 -5.59 -1.85
N CYS A 237 21.68 -5.18 -2.30
CA CYS A 237 22.74 -6.11 -2.65
C CYS A 237 23.91 -6.18 -1.68
N GLY A 238 23.78 -5.58 -0.53
CA GLY A 238 24.81 -5.55 0.48
C GLY A 238 24.70 -6.69 1.45
N SER A 239 25.38 -6.52 2.61
CA SER A 239 25.53 -7.63 3.51
C SER A 239 24.30 -7.97 4.33
N ARG A 240 23.30 -7.09 4.43
CA ARG A 240 22.08 -7.39 5.17
C ARG A 240 20.91 -6.80 4.41
N PRO A 241 20.53 -7.40 3.31
CA PRO A 241 19.53 -6.75 2.42
C PRO A 241 18.21 -6.54 3.15
N PRO A 242 17.67 -5.34 3.12
CA PRO A 242 16.34 -5.09 3.69
C PRO A 242 15.29 -5.61 2.72
N PRO A 243 14.15 -6.07 3.23
CA PRO A 243 13.09 -6.56 2.33
C PRO A 243 12.30 -5.40 1.73
N GLY A 244 11.88 -5.59 0.47
CA GLY A 244 10.93 -4.65 -0.14
C GLY A 244 11.30 -4.29 -1.55
N PHE A 245 10.27 -3.99 -2.36
CA PHE A 245 10.39 -3.54 -3.72
C PHE A 245 9.78 -2.17 -3.89
N PRO A 246 10.37 -1.28 -4.70
CA PRO A 246 9.61 -0.11 -5.17
C PRO A 246 8.57 -0.58 -6.16
N GLY A 247 7.47 0.15 -6.25
CA GLY A 247 6.36 -0.33 -7.08
C GLY A 247 5.35 0.70 -7.57
N LEU A 248 5.43 1.96 -7.14
CA LEU A 248 4.45 2.94 -7.61
C LEU A 248 4.47 3.12 -9.11
N GLU A 249 5.66 3.19 -9.70
CA GLU A 249 5.75 3.48 -11.12
C GLU A 249 5.41 2.31 -12.02
N THR A 250 5.46 1.08 -11.52
CA THR A 250 5.16 -0.10 -12.31
C THR A 250 3.78 -0.73 -12.07
N MET A 251 3.10 -0.38 -10.97
CA MET A 251 1.85 -1.07 -10.64
C MET A 251 0.82 -0.98 -11.73
N LEU A 252 0.47 0.25 -12.12
CA LEU A 252 -0.61 0.41 -13.10
C LEU A 252 -0.23 -0.14 -14.48
N PRO A 253 1.00 0.08 -14.98
CA PRO A 253 1.35 -0.57 -16.25
C PRO A 253 1.24 -2.10 -16.22
N LEU A 254 1.65 -2.72 -15.14
CA LEU A 254 1.52 -4.18 -15.03
C LEU A 254 0.05 -4.57 -15.08
N LEU A 255 -0.79 -3.88 -14.30
CA LEU A 255 -2.22 -4.24 -14.25
C LEU A 255 -2.93 -3.94 -15.57
N LEU A 256 -2.58 -2.81 -16.23
CA LEU A 256 -3.15 -2.54 -17.53
C LEU A 256 -2.81 -3.62 -18.54
N THR A 257 -1.60 -4.16 -18.45
CA THR A 257 -1.19 -5.25 -19.32
C THR A 257 -2.14 -6.44 -19.12
N ALA A 258 -2.41 -6.73 -17.87
CA ALA A 258 -3.33 -7.84 -17.54
C ALA A 258 -4.76 -7.57 -18.03
N VAL A 259 -5.22 -6.32 -17.94
CA VAL A 259 -6.53 -5.98 -18.51
C VAL A 259 -6.53 -6.23 -20.02
N SER A 260 -5.46 -5.80 -20.69
CA SER A 260 -5.41 -5.94 -22.15
CA SER A 260 -5.38 -5.94 -22.15
C SER A 260 -5.43 -7.40 -22.57
N GLU A 261 -4.90 -8.29 -21.73
CA GLU A 261 -4.89 -9.72 -21.95
C GLU A 261 -6.18 -10.40 -21.51
N GLY A 262 -7.12 -9.65 -20.95
CA GLY A 262 -8.37 -10.27 -20.52
C GLY A 262 -8.29 -11.01 -19.21
N ARG A 263 -7.23 -10.79 -18.42
CA ARG A 263 -7.10 -11.47 -17.13
C ARG A 263 -7.99 -10.89 -16.05
N LEU A 264 -8.37 -9.63 -16.18
CA LEU A 264 -9.37 -8.94 -15.35
C LEU A 264 -9.88 -7.80 -16.22
N SER A 265 -11.03 -7.25 -15.84
CA SER A 265 -11.63 -6.17 -16.60
C SER A 265 -11.13 -4.81 -16.10
N LEU A 266 -11.40 -3.78 -16.93
CA LEU A 266 -11.14 -2.43 -16.50
C LEU A 266 -11.91 -2.10 -15.24
N ASP A 267 -13.18 -2.52 -15.16
CA ASP A 267 -13.93 -2.31 -13.93
C ASP A 267 -13.28 -2.99 -12.72
N ASP A 268 -12.83 -4.26 -12.90
CA ASP A 268 -12.19 -4.98 -11.81
C ASP A 268 -11.02 -4.16 -11.28
N LEU A 269 -10.25 -3.55 -12.18
CA LEU A 269 -9.12 -2.75 -11.80
CA LEU A 269 -9.11 -2.75 -11.80
C LEU A 269 -9.55 -1.51 -11.05
N LEU A 270 -10.62 -0.84 -11.54
CA LEU A 270 -11.09 0.40 -10.92
C LEU A 270 -11.76 0.18 -9.58
N GLN A 271 -12.43 -0.97 -9.38
CA GLN A 271 -12.87 -1.31 -8.04
C GLN A 271 -11.68 -1.35 -7.07
N ARG A 272 -10.59 -2.01 -7.51
CA ARG A 272 -9.50 -2.31 -6.62
C ARG A 272 -8.49 -1.19 -6.44
N LEU A 273 -8.45 -0.19 -7.35
CA LEU A 273 -7.54 0.94 -7.21
C LEU A 273 -8.29 2.27 -7.03
N HIS A 274 -9.60 2.23 -6.76
CA HIS A 274 -10.33 3.50 -6.64
C HIS A 274 -11.51 3.31 -5.69
N HIS A 275 -12.54 2.53 -6.08
CA HIS A 275 -13.77 2.51 -5.28
C HIS A 275 -13.60 1.82 -3.94
N ASN A 276 -12.94 0.66 -3.93
CA ASN A 276 -12.78 -0.05 -2.68
C ASN A 276 -11.81 0.59 -1.69
N PRO A 277 -10.68 1.17 -2.16
CA PRO A 277 -9.88 2.00 -1.26
C PRO A 277 -10.68 3.12 -0.64
N ARG A 278 -11.50 3.83 -1.45
CA ARG A 278 -12.32 4.89 -0.90
C ARG A 278 -13.19 4.37 0.25
N ARG A 279 -13.89 3.24 0.02
CA ARG A 279 -14.93 2.85 0.96
C ARG A 279 -14.40 2.17 2.18
N ILE A 280 -13.26 1.48 2.06
CA ILE A 280 -12.71 0.80 3.23
C ILE A 280 -12.06 1.77 4.17
N PHE A 281 -11.41 2.81 3.61
CA PHE A 281 -10.68 3.79 4.41
C PHE A 281 -11.41 5.10 4.54
N HIS A 282 -12.62 5.18 4.03
N HIS A 282 -12.61 5.21 4.00
CA HIS A 282 -13.40 6.42 4.03
CA HIS A 282 -13.37 6.48 4.05
C HIS A 282 -12.53 7.59 3.56
C HIS A 282 -12.54 7.63 3.53
N LEU A 283 -11.95 7.42 2.36
CA LEU A 283 -11.12 8.46 1.79
C LEU A 283 -11.98 9.29 0.84
N PRO A 284 -11.81 10.62 0.87
CA PRO A 284 -12.72 11.48 0.14
C PRO A 284 -12.44 11.49 -1.36
N PRO A 285 -13.41 11.93 -2.15
CA PRO A 285 -13.16 12.19 -3.58
C PRO A 285 -12.13 13.29 -3.74
N GLN A 286 -11.49 13.31 -4.90
CA GLN A 286 -10.63 14.43 -5.30
C GLN A 286 -11.31 15.09 -6.47
N GLU A 287 -11.69 16.35 -6.28
N GLU A 287 -11.70 16.35 -6.28
CA GLU A 287 -12.35 17.11 -7.33
CA GLU A 287 -12.38 17.08 -7.33
C GLU A 287 -11.42 17.27 -8.52
C GLU A 287 -11.44 17.28 -8.51
N ASP A 288 -12.02 17.30 -9.73
CA ASP A 288 -11.30 17.60 -10.97
CA ASP A 288 -11.28 17.65 -10.93
C ASP A 288 -9.96 16.88 -11.04
N THR A 289 -10.05 15.56 -10.90
CA THR A 289 -8.86 14.70 -10.80
C THR A 289 -9.09 13.48 -11.67
N TYR A 290 -8.14 13.22 -12.57
CA TYR A 290 -8.29 12.08 -13.46
C TYR A 290 -6.93 11.73 -14.05
N VAL A 291 -6.88 10.57 -14.68
CA VAL A 291 -5.67 9.98 -15.23
C VAL A 291 -5.99 9.52 -16.65
N GLU A 292 -5.19 9.92 -17.61
CA GLU A 292 -5.34 9.49 -18.98
C GLU A 292 -4.27 8.45 -19.31
N VAL A 293 -4.69 7.29 -19.76
CA VAL A 293 -3.77 6.20 -20.10
C VAL A 293 -3.90 5.86 -21.58
N ASP A 294 -2.78 5.36 -22.14
CA ASP A 294 -2.69 4.87 -23.50
C ASP A 294 -2.53 3.37 -23.39
N LEU A 295 -3.56 2.64 -23.80
CA LEU A 295 -3.61 1.20 -23.61
C LEU A 295 -2.87 0.44 -24.68
N GLU A 296 -2.43 1.11 -25.76
CA GLU A 296 -1.83 0.41 -26.87
C GLU A 296 -0.31 0.43 -26.83
N HIS A 297 0.29 1.28 -26.02
CA HIS A 297 1.73 1.47 -26.04
C HIS A 297 2.45 0.29 -25.39
N GLU A 298 3.25 -0.42 -26.19
CA GLU A 298 4.06 -1.52 -25.66
C GLU A 298 5.47 -1.04 -25.30
N TRP A 299 5.96 -1.47 -24.16
CA TRP A 299 7.30 -1.07 -23.72
C TRP A 299 7.81 -2.13 -22.75
N THR A 300 9.12 -2.08 -22.50
CA THR A 300 9.79 -3.00 -21.59
C THR A 300 10.28 -2.24 -20.37
N ILE A 301 10.00 -2.79 -19.20
CA ILE A 301 10.40 -2.10 -17.96
CA ILE A 301 10.41 -2.16 -17.93
C ILE A 301 11.93 -2.05 -17.90
N PRO A 302 12.52 -0.86 -17.71
CA PRO A 302 13.99 -0.72 -17.69
C PRO A 302 14.55 -1.07 -16.32
N SER A 303 15.87 -0.87 -16.15
CA SER A 303 16.53 -1.26 -14.91
C SER A 303 16.16 -0.37 -13.75
N HIS A 304 15.67 0.85 -14.02
CA HIS A 304 15.12 1.69 -12.96
C HIS A 304 14.09 2.63 -13.58
N MET A 305 13.02 2.90 -12.81
CA MET A 305 12.04 3.86 -13.27
C MET A 305 12.54 5.27 -12.95
N PRO A 306 11.96 6.31 -13.58
CA PRO A 306 12.58 7.63 -13.47
C PRO A 306 12.57 8.27 -12.10
N PHE A 307 11.56 8.03 -11.25
CA PHE A 307 11.39 8.85 -10.07
C PHE A 307 11.84 8.26 -8.76
N SER A 308 11.49 7.02 -8.46
CA SER A 308 11.82 6.46 -7.15
CA SER A 308 11.81 6.53 -7.15
C SER A 308 13.32 6.56 -6.89
N LYS A 309 13.67 7.00 -5.71
CA LYS A 309 15.08 7.01 -5.32
C LYS A 309 15.63 5.59 -5.12
N ALA A 310 14.78 4.59 -5.10
CA ALA A 310 15.30 3.22 -5.04
C ALA A 310 16.26 2.95 -6.22
N HIS A 311 15.96 3.50 -7.38
CA HIS A 311 16.81 3.43 -8.54
C HIS A 311 17.09 1.99 -8.99
N TRP A 312 16.08 1.13 -8.84
CA TRP A 312 16.13 -0.24 -9.34
C TRP A 312 14.67 -0.73 -9.36
N THR A 313 14.43 -1.86 -10.04
CA THR A 313 13.07 -2.46 -10.00
C THR A 313 13.18 -3.97 -10.24
N PRO A 314 12.41 -4.77 -9.51
CA PRO A 314 12.42 -6.21 -9.76
C PRO A 314 11.70 -6.61 -11.04
N PHE A 315 10.94 -5.71 -11.65
CA PHE A 315 10.24 -6.02 -12.86
C PHE A 315 11.02 -5.73 -14.13
N GLU A 316 12.29 -5.35 -14.00
CA GLU A 316 13.13 -5.09 -15.16
C GLU A 316 13.02 -6.23 -16.19
N GLY A 317 12.78 -5.88 -17.41
CA GLY A 317 12.71 -6.80 -18.53
C GLY A 317 11.33 -7.30 -18.86
N GLN A 318 10.36 -7.06 -17.99
CA GLN A 318 8.99 -7.46 -18.30
C GLN A 318 8.39 -6.55 -19.36
N LYS A 319 7.68 -7.14 -20.29
CA LYS A 319 6.98 -6.42 -21.36
CA LYS A 319 6.99 -6.41 -21.34
C LYS A 319 5.58 -6.08 -20.89
N VAL A 320 5.23 -4.80 -21.04
CA VAL A 320 3.96 -4.26 -20.60
C VAL A 320 3.30 -3.53 -21.75
N LYS A 321 1.99 -3.35 -21.61
CA LYS A 321 1.20 -2.70 -22.61
C LYS A 321 0.25 -1.82 -21.83
N GLY A 322 0.40 -0.53 -22.02
CA GLY A 322 -0.33 0.50 -21.22
C GLY A 322 0.63 1.42 -20.51
N THR A 323 0.34 2.71 -20.61
CA THR A 323 1.17 3.71 -19.99
CA THR A 323 1.20 3.80 -20.16
C THR A 323 0.35 4.93 -19.60
N VAL A 324 0.80 5.57 -18.52
CA VAL A 324 0.22 6.83 -18.05
C VAL A 324 0.71 7.97 -18.90
N ARG A 325 -0.21 8.71 -19.52
CA ARG A 325 0.11 9.86 -20.35
C ARG A 325 -0.03 11.17 -19.61
N ARG A 326 -1.11 11.34 -18.86
CA ARG A 326 -1.40 12.62 -18.23
C ARG A 326 -2.15 12.37 -16.94
N VAL A 327 -1.87 13.15 -15.94
CA VAL A 327 -2.60 13.17 -14.67
C VAL A 327 -2.96 14.61 -14.37
N VAL A 328 -4.22 14.84 -14.03
CA VAL A 328 -4.73 16.11 -13.55
C VAL A 328 -5.14 15.90 -12.10
N LEU A 329 -4.65 16.76 -11.19
CA LEU A 329 -4.93 16.66 -9.77
C LEU A 329 -5.54 17.97 -9.32
N ARG A 330 -6.79 17.94 -8.90
CA ARG A 330 -7.47 19.13 -8.40
C ARG A 330 -7.31 20.32 -9.36
N GLY A 331 -7.52 20.03 -10.66
CA GLY A 331 -7.57 21.04 -11.69
C GLY A 331 -6.25 21.48 -12.25
N GLU A 332 -5.13 20.94 -11.78
CA GLU A 332 -3.82 21.28 -12.33
C GLU A 332 -3.19 20.08 -13.01
N VAL A 333 -2.51 20.31 -14.13
CA VAL A 333 -1.73 19.25 -14.75
C VAL A 333 -0.62 18.85 -13.81
N ALA A 334 -0.61 17.59 -13.41
CA ALA A 334 0.35 17.11 -12.43
C ALA A 334 1.47 16.32 -13.09
N TYR A 335 1.20 15.69 -14.22
CA TYR A 335 2.14 14.79 -14.89
C TYR A 335 1.81 14.71 -16.36
N ILE A 336 2.82 14.75 -17.22
N ILE A 336 2.81 14.89 -17.24
CA ILE A 336 2.56 14.55 -18.64
CA ILE A 336 2.65 14.56 -18.64
C ILE A 336 3.80 13.93 -19.29
C ILE A 336 3.88 13.82 -19.10
N ASP A 337 3.67 12.67 -19.71
CA ASP A 337 4.69 11.97 -20.49
C ASP A 337 6.07 12.09 -19.86
N GLY A 338 6.13 11.83 -18.56
CA GLY A 338 7.41 11.72 -17.88
C GLY A 338 7.81 12.96 -17.11
N GLN A 339 7.08 14.04 -17.24
CA GLN A 339 7.38 15.28 -16.53
C GLN A 339 6.35 15.49 -15.44
N VAL A 340 6.80 15.60 -14.19
CA VAL A 340 5.97 16.03 -13.08
C VAL A 340 5.91 17.56 -13.08
N LEU A 341 4.70 18.11 -13.02
CA LEU A 341 4.45 19.54 -13.21
C LEU A 341 3.81 20.20 -11.99
N VAL A 342 3.65 19.48 -10.88
CA VAL A 342 3.30 20.11 -9.61
C VAL A 342 4.47 20.00 -8.64
N PRO A 343 4.70 21.03 -7.85
CA PRO A 343 5.89 21.06 -7.00
C PRO A 343 5.68 20.28 -5.71
N PRO A 344 6.75 19.99 -5.00
CA PRO A 344 6.60 19.52 -3.62
C PRO A 344 5.79 20.48 -2.81
N GLY A 345 4.81 19.95 -2.05
CA GLY A 345 3.92 20.77 -1.30
C GLY A 345 2.57 21.02 -1.94
N TYR A 346 2.39 20.64 -3.20
CA TYR A 346 1.06 20.73 -3.80
C TYR A 346 0.05 19.79 -3.13
N GLY A 347 0.53 18.64 -2.68
CA GLY A 347 -0.35 17.65 -2.07
C GLY A 347 -0.81 18.03 -0.69
N GLN A 348 -2.00 17.49 -0.33
CA GLN A 348 -2.64 17.82 0.91
C GLN A 348 -3.06 16.57 1.68
N ASP A 349 -3.21 16.75 3.00
CA ASP A 349 -3.67 15.71 3.92
C ASP A 349 -5.17 15.60 3.82
N VAL A 350 -5.64 14.53 3.19
CA VAL A 350 -7.07 14.39 2.94
C VAL A 350 -7.89 14.27 4.21
N ARG A 351 -7.31 13.88 5.34
CA ARG A 351 -8.03 13.76 6.58
C ARG A 351 -8.38 15.12 7.17
N LYS A 352 -7.78 16.19 6.69
CA LYS A 352 -8.12 17.54 7.11
C LYS A 352 -9.25 18.13 6.30
N TRP A 353 -9.58 17.57 5.16
CA TRP A 353 -10.70 18.05 4.37
C TRP A 353 -12.01 17.72 5.11
N PRO A 354 -13.00 18.61 5.09
CA PRO A 354 -14.26 18.27 5.78
C PRO A 354 -14.88 16.94 5.35
N GLN A 355 -14.76 16.63 4.08
CA GLN A 355 -15.28 15.41 3.52
C GLN A 355 -14.37 14.20 3.78
N GLY A 356 -13.17 14.41 4.35
CA GLY A 356 -12.23 13.35 4.63
C GLY A 356 -12.24 12.80 6.02
N ALA A 357 -13.08 13.32 6.93
CA ALA A 357 -13.21 12.76 8.27
C ALA A 357 -14.04 11.47 8.19
N VAL A 358 -13.70 10.52 9.03
CA VAL A 358 -14.47 9.27 9.03
C VAL A 358 -15.74 9.49 9.85
N PRO A 359 -16.92 9.23 9.30
CA PRO A 359 -18.15 9.47 10.07
C PRO A 359 -18.19 8.61 11.34
N GLN A 360 -18.74 9.17 12.42
CA GLN A 360 -18.93 8.39 13.65
C GLN A 360 -20.18 8.86 14.36
N LEU A 361 -20.70 7.98 15.21
CA LEU A 361 -21.76 8.35 16.14
C LEU A 361 -21.21 9.34 17.18
N PRO A 362 -22.05 10.28 17.65
CA PRO A 362 -21.57 11.22 18.68
C PRO A 362 -21.12 10.52 19.97
ZN ZN B . 4.49 -2.15 3.75
ZN ZN C . 4.07 -5.33 5.43
C6 NCD D . 8.35 -3.08 3.69
C61 NCD D . 9.34 -1.87 3.86
O61 NCD D . 8.88 -0.91 4.48
O62 NCD D . 10.48 -1.96 3.32
N1 NCD D . 9.17 -4.20 3.24
C2 NCD D . 8.64 -5.31 2.69
O2 NCD D . 9.39 -6.22 2.31
N3 NCD D . 7.32 -5.46 2.54
C5 NCD D . 7.53 -3.27 4.96
C4 NCD D . 6.22 -4.12 4.88
O4 NCD D . 5.21 -3.86 4.15
O5 NCD D . 6.17 -5.09 5.65
H61 NCD D . 7.63 -2.96 3.06
H11 NCD D . 9.99 -3.98 2.97
H31 NCD D . 6.78 -4.81 2.77
H32 NCD D . 6.95 -6.19 2.16
H51 NCD D . 7.31 -2.39 5.30
H52 NCD D . 8.12 -3.67 5.62
ZN ZN E . -1.47 -2.53 3.50
O2 DOR F . 9.13 -5.96 1.86
C2 DOR F . 8.77 -5.27 2.78
N1 DOR F . 9.19 -3.89 2.87
N3 DOR F . 7.87 -5.75 3.86
C4 DOR F . 7.54 -5.03 5.01
O4 DOR F . 6.88 -5.56 5.84
C5 DOR F . 7.94 -3.62 5.12
C6 DOR F . 8.68 -3.02 3.97
C7 DOR F . 9.68 -1.86 4.34
O72 DOR F . 9.29 -0.92 5.11
O71 DOR F . 10.82 -1.88 3.83
HN1 DOR F . 9.73 -3.56 2.28
HN3 DOR F . 7.52 -6.53 3.77
H51 DOR F . 8.56 -3.56 5.87
H52 DOR F . 7.13 -3.11 5.19
H6 DOR F . 8.03 -2.46 3.52
C FMT G . -10.48 -2.32 8.72
O1 FMT G . -10.53 -1.62 9.64
O2 FMT G . -11.46 -3.02 8.39
H FMT G . -9.58 -2.42 8.11
HO2 FMT G . -12.35 -2.83 8.76
C FMT H . -16.98 4.94 -3.41
O1 FMT H . -17.01 5.79 -2.50
O2 FMT H . -16.62 5.16 -4.56
H FMT H . -17.29 3.92 -3.18
HO2 FMT H . -15.82 5.69 -4.73
C FMT I . -16.45 -14.17 18.65
O1 FMT I . -17.59 -14.30 19.06
O2 FMT I . -15.53 -13.95 19.42
H FMT I . -16.26 -14.10 17.58
HO2 FMT I . -15.68 -13.95 20.39
C FMT J . 4.45 -8.38 -17.44
O1 FMT J . 4.63 -9.11 -18.44
O2 FMT J . 4.28 -8.83 -16.26
H FMT J . 4.43 -7.30 -17.56
HO2 FMT J . 4.29 -9.79 -16.11
C FMT K . 26.66 -12.02 5.30
O1 FMT K . 26.32 -10.88 4.96
O2 FMT K . 25.96 -13.01 5.07
H FMT K . 27.62 -12.19 5.79
HO2 FMT K . 25.09 -12.90 4.63
C FMT L . -9.86 12.93 -20.15
O1 FMT L . -10.84 13.70 -20.15
O2 FMT L . -9.61 12.17 -21.09
H FMT L . -9.21 12.86 -19.28
HO2 FMT L . -10.19 12.15 -21.88
C FMT M . -16.29 12.70 12.13
O1 FMT M . -16.80 12.47 11.03
O2 FMT M . -16.19 11.84 12.99
H FMT M . -15.90 13.69 12.36
HO2 FMT M . -16.47 10.92 12.79
ZN ZN N . -17.08 6.96 3.49
C FMT O . 8.58 20.23 -10.58
O1 FMT O . 8.94 20.02 -9.39
O2 FMT O . 7.70 21.07 -10.86
H FMT O . 9.00 19.65 -11.39
HO2 FMT O . 7.27 21.60 -10.15
C FMT P . 8.46 12.24 21.73
O1 FMT P . 7.33 11.82 21.97
O2 FMT P . 8.66 13.36 21.26
H FMT P . 9.33 11.62 21.91
HO2 FMT P . 7.90 13.95 21.07
C FMT Q . -13.11 10.87 -13.34
O1 FMT Q . -13.15 10.51 -14.50
O2 FMT Q . -12.97 12.11 -12.99
H FMT Q . -13.17 10.10 -12.56
HO2 FMT Q . -13.63 12.77 -13.27
C FMT R . -16.76 -4.95 -19.88
O1 FMT R . -16.37 -4.81 -21.04
O2 FMT R . -16.89 -6.06 -19.36
H FMT R . -17.07 -4.08 -19.31
HO2 FMT R . -16.67 -6.88 -19.87
#